data_5ZIY
#
_entry.id   5ZIY
#
_cell.length_a   138.619
_cell.length_b   57.986
_cell.length_c   67.914
_cell.angle_alpha   90.00
_cell.angle_beta   114.80
_cell.angle_gamma   90.00
#
_symmetry.space_group_name_H-M   'C 1 2 1'
#
loop_
_entity.id
_entity.type
_entity.pdbx_description
1 polymer 'Flagellar hook-associated protein 3'
2 non-polymer 'ZINC ION'
3 water water
#
_entity_poly.entity_id   1
_entity_poly.type   'polypeptide(L)'
_entity_poly.pdbx_seq_one_letter_code
;GSAKDPAASKSFAIQHSLANMEQMQKDIADSKNVLTQTENTLQGVLKSLTRADQLTVQALNGTNSEKELQAIGVEIDQIL
KQVVYLANTKEQGRYIFGGDSAENLPFTEDGTYQGGKNDVNWKLNDGYEFKAFRNGEALLSPVIKTLKQMSEAMQNGDQK
ALKPLLEENKQNLDGIINRTTEVGSTMNTMETFKTILSEQNVALQENRKEIED
;
_entity_poly.pdbx_strand_id   A,B
#
loop_
_chem_comp.id
_chem_comp.type
_chem_comp.name
_chem_comp.formula
ZN non-polymer 'ZINC ION' 'Zn 2'
#
# COMPACT_ATOMS: atom_id res chain seq x y z
N ALA A 7 -12.94 -38.32 3.71
CA ALA A 7 -11.74 -37.45 3.94
C ALA A 7 -11.74 -36.20 3.06
N ALA A 8 -12.20 -36.38 1.81
CA ALA A 8 -12.24 -35.30 0.81
C ALA A 8 -13.06 -34.09 1.27
N SER A 9 -14.20 -34.37 1.92
CA SER A 9 -15.12 -33.32 2.38
C SER A 9 -14.47 -32.45 3.45
N LYS A 10 -13.90 -33.10 4.46
CA LYS A 10 -13.14 -32.42 5.51
C LYS A 10 -12.03 -31.54 4.91
N SER A 11 -11.34 -32.05 3.90
CA SER A 11 -10.23 -31.35 3.26
C SER A 11 -10.70 -30.08 2.56
N PHE A 12 -11.88 -30.10 1.93
CA PHE A 12 -12.43 -28.87 1.38
C PHE A 12 -12.47 -27.78 2.44
N ALA A 13 -13.01 -28.10 3.62
CA ALA A 13 -13.18 -27.12 4.70
C ALA A 13 -11.84 -26.61 5.29
N ILE A 14 -10.94 -27.54 5.58
CA ILE A 14 -9.62 -27.23 6.12
C ILE A 14 -8.79 -26.38 5.15
N GLN A 15 -8.85 -26.70 3.85
CA GLN A 15 -8.12 -25.89 2.86
C GLN A 15 -8.73 -24.52 2.69
N HIS A 16 -10.05 -24.43 2.65
CA HIS A 16 -10.68 -23.14 2.58
C HIS A 16 -10.22 -22.27 3.75
N SER A 17 -10.26 -22.81 4.97
CA SER A 17 -9.90 -22.02 6.14
C SER A 17 -8.43 -21.67 6.06
N LEU A 18 -7.59 -22.64 5.71
CA LEU A 18 -6.15 -22.36 5.61
C LEU A 18 -5.84 -21.26 4.60
N ALA A 19 -6.58 -21.18 3.49
CA ALA A 19 -6.34 -20.07 2.54
C ALA A 19 -6.75 -18.69 3.09
N ASN A 20 -7.83 -18.66 3.86
CA ASN A 20 -8.20 -17.40 4.53
C ASN A 20 -7.12 -16.99 5.55
N MET A 21 -6.57 -17.97 6.26
CA MET A 21 -5.55 -17.71 7.26
C MET A 21 -4.26 -17.20 6.67
N GLU A 22 -3.82 -17.80 5.58
CA GLU A 22 -2.67 -17.29 4.82
C GLU A 22 -2.84 -15.82 4.39
N GLN A 23 -4.01 -15.47 3.88
CA GLN A 23 -4.19 -14.12 3.36
C GLN A 23 -4.16 -13.16 4.53
N MET A 24 -4.84 -13.52 5.60
CA MET A 24 -4.85 -12.70 6.80
C MET A 24 -3.44 -12.48 7.38
N GLN A 25 -2.60 -13.51 7.35
CA GLN A 25 -1.22 -13.41 7.77
C GLN A 25 -0.43 -12.39 6.95
N LYS A 26 -0.67 -12.37 5.64
CA LYS A 26 -0.02 -11.37 4.78
C LYS A 26 -0.56 -9.98 5.06
N ASP A 27 -1.86 -9.88 5.24
CA ASP A 27 -2.50 -8.60 5.52
C ASP A 27 -1.94 -8.04 6.86
N ILE A 28 -1.79 -8.92 7.85
CA ILE A 28 -1.21 -8.47 9.14
C ILE A 28 0.24 -8.06 8.93
N ALA A 29 1.06 -8.87 8.26
CA ALA A 29 2.43 -8.46 7.95
C ALA A 29 2.51 -7.08 7.22
N ASP A 30 1.73 -6.89 6.18
CA ASP A 30 1.72 -5.61 5.48
C ASP A 30 1.35 -4.46 6.38
N SER A 31 0.31 -4.68 7.19
CA SER A 31 -0.18 -3.64 8.06
C SER A 31 0.82 -3.27 9.12
N LYS A 32 1.51 -4.26 9.69
CA LYS A 32 2.46 -3.99 10.76
C LYS A 32 3.65 -3.19 10.22
N ASN A 33 4.04 -3.44 8.97
CA ASN A 33 5.10 -2.64 8.39
C ASN A 33 4.68 -1.13 8.30
N VAL A 34 3.48 -0.84 7.84
CA VAL A 34 3.04 0.55 7.71
C VAL A 34 2.91 1.20 9.09
N LEU A 35 2.34 0.47 10.03
CA LEU A 35 2.22 0.91 11.39
C LEU A 35 3.54 1.09 12.12
N THR A 36 4.49 0.19 11.90
CA THR A 36 5.80 0.37 12.52
C THR A 36 6.45 1.63 11.99
N GLN A 37 6.35 1.84 10.69
CA GLN A 37 6.98 3.00 10.08
C GLN A 37 6.34 4.27 10.62
N THR A 38 5.02 4.24 10.76
CA THR A 38 4.29 5.34 11.30
C THR A 38 4.74 5.64 12.74
N GLU A 39 4.83 4.61 13.55
CA GLU A 39 5.16 4.82 14.94
C GLU A 39 6.59 5.35 15.11
N ASN A 40 7.51 4.85 14.28
CA ASN A 40 8.90 5.26 14.29
C ASN A 40 9.04 6.73 13.87
N THR A 41 8.26 7.15 12.87
CA THR A 41 8.23 8.54 12.41
C THR A 41 7.71 9.46 13.52
N LEU A 42 6.64 9.05 14.17
CA LEU A 42 6.09 9.80 15.30
C LEU A 42 7.06 9.95 16.46
N GLN A 43 7.82 8.89 16.75
CA GLN A 43 8.82 8.92 17.84
C GLN A 43 9.98 9.86 17.44
N GLY A 44 10.33 9.89 16.17
CA GLY A 44 11.33 10.76 15.68
C GLY A 44 10.88 12.21 15.81
N VAL A 45 9.59 12.49 15.56
CA VAL A 45 9.04 13.83 15.78
C VAL A 45 9.04 14.17 17.28
N LEU A 46 8.58 13.26 18.15
CA LEU A 46 8.56 13.48 19.59
C LEU A 46 9.94 13.89 20.11
N LYS A 47 10.96 13.19 19.65
CA LYS A 47 12.36 13.45 20.03
C LYS A 47 12.79 14.84 19.54
N SER A 48 12.42 15.19 18.30
CA SER A 48 12.74 16.49 17.78
C SER A 48 12.07 17.64 18.60
N LEU A 49 10.81 17.48 18.95
CA LEU A 49 10.08 18.57 19.61
C LEU A 49 10.59 18.71 21.03
N THR A 50 10.92 17.59 21.65
CA THR A 50 11.56 17.54 22.94
C THR A 50 12.83 18.36 22.93
N ARG A 51 13.68 18.15 21.94
CA ARG A 51 14.92 18.91 21.82
C ARG A 51 14.64 20.39 21.56
N ALA A 52 13.63 20.67 20.75
CA ALA A 52 13.20 22.06 20.45
C ALA A 52 12.78 22.76 21.73
N ASP A 53 11.99 22.07 22.55
CA ASP A 53 11.57 22.58 23.88
C ASP A 53 12.79 22.91 24.76
N GLN A 54 13.72 21.96 24.85
CA GLN A 54 14.94 22.12 25.64
C GLN A 54 15.76 23.36 25.22
N LEU A 55 16.01 23.49 23.92
CA LEU A 55 16.76 24.62 23.34
C LEU A 55 16.07 25.98 23.51
N THR A 56 14.73 25.95 23.56
CA THR A 56 13.96 27.13 23.76
C THR A 56 13.96 27.54 25.24
N VAL A 57 14.03 26.58 26.15
CA VAL A 57 14.24 26.88 27.55
C VAL A 57 15.63 27.55 27.72
N GLN A 58 16.66 27.00 27.07
CA GLN A 58 18.01 27.63 27.08
C GLN A 58 17.90 29.08 26.62
N ALA A 59 17.23 29.29 25.49
CA ALA A 59 17.03 30.63 24.92
C ALA A 59 16.34 31.62 25.88
N LEU A 60 15.36 31.12 26.61
CA LEU A 60 14.64 31.91 27.59
C LEU A 60 15.42 32.07 28.93
N ASN A 61 16.42 31.22 29.19
CA ASN A 61 17.19 31.21 30.46
C ASN A 61 18.63 31.70 30.31
N GLU A 66 24.00 37.07 22.73
CA GLU A 66 23.65 37.86 21.55
C GLU A 66 23.83 37.01 20.29
N LYS A 67 25.07 36.65 19.99
CA LYS A 67 25.37 35.67 18.94
C LYS A 67 24.85 34.29 19.32
N GLU A 68 24.76 34.01 20.63
CA GLU A 68 24.43 32.67 21.13
C GLU A 68 22.94 32.30 21.05
N LEU A 69 22.06 33.29 21.09
CA LEU A 69 20.62 33.06 20.87
C LEU A 69 20.39 32.66 19.42
N GLN A 70 21.14 33.28 18.51
CA GLN A 70 21.12 32.93 17.11
C GLN A 70 21.60 31.49 16.87
N ALA A 71 22.65 31.03 17.58
CA ALA A 71 23.12 29.67 17.38
C ALA A 71 22.00 28.67 17.75
N ILE A 72 21.34 28.89 18.89
CA ILE A 72 20.21 28.05 19.28
C ILE A 72 19.16 28.04 18.15
N GLY A 73 18.87 29.24 17.64
CA GLY A 73 17.97 29.44 16.48
C GLY A 73 18.37 28.60 15.28
N VAL A 74 19.67 28.52 15.01
CA VAL A 74 20.18 27.66 13.92
C VAL A 74 19.81 26.21 14.13
N GLU A 75 20.13 25.65 15.29
CA GLU A 75 19.88 24.21 15.51
C GLU A 75 18.39 23.89 15.44
N ILE A 76 17.55 24.80 15.91
CA ILE A 76 16.11 24.64 15.76
C ILE A 76 15.74 24.52 14.26
N ASP A 77 16.49 25.21 13.40
CA ASP A 77 16.36 25.11 11.94
C ASP A 77 16.71 23.72 11.40
N GLN A 78 17.74 23.08 11.96
CA GLN A 78 18.04 21.70 11.59
C GLN A 78 16.85 20.80 11.97
N ILE A 79 16.30 21.05 13.16
CA ILE A 79 15.18 20.29 13.67
C ILE A 79 13.96 20.50 12.78
N LEU A 80 13.76 21.73 12.33
CA LEU A 80 12.64 21.99 11.44
C LEU A 80 12.80 21.12 10.16
N LYS A 81 14.00 21.10 9.60
CA LYS A 81 14.26 20.29 8.41
C LYS A 81 14.03 18.79 8.67
N GLN A 82 14.42 18.30 9.84
CA GLN A 82 14.29 16.88 10.13
C GLN A 82 12.81 16.55 10.25
N VAL A 83 12.04 17.45 10.87
CA VAL A 83 10.61 17.19 11.09
C VAL A 83 9.84 17.24 9.77
N VAL A 84 10.20 18.15 8.89
CA VAL A 84 9.62 18.19 7.55
C VAL A 84 9.96 16.86 6.79
N TYR A 85 11.20 16.40 6.84
CA TYR A 85 11.57 15.09 6.28
C TYR A 85 10.68 13.98 6.82
N LEU A 86 10.50 13.96 8.15
CA LEU A 86 9.70 12.96 8.81
C LEU A 86 8.22 13.09 8.43
N ALA A 87 7.70 14.28 8.29
CA ALA A 87 6.33 14.46 7.91
C ALA A 87 6.03 13.99 6.49
N ASN A 88 7.07 13.95 5.64
CA ASN A 88 6.99 13.50 4.29
C ASN A 88 7.35 12.02 4.10
N THR A 89 7.33 11.21 5.16
CA THR A 89 7.56 9.77 5.07
C THR A 89 6.56 9.06 4.14
N LYS A 90 7.10 8.24 3.25
CA LYS A 90 6.34 7.55 2.20
C LYS A 90 6.60 6.04 2.23
N GLU A 91 5.55 5.25 2.14
CA GLU A 91 5.64 3.82 2.18
C GLU A 91 4.53 3.25 1.33
N GLN A 92 4.83 2.20 0.54
CA GLN A 92 3.87 1.56 -0.37
C GLN A 92 3.16 2.60 -1.17
N GLY A 93 3.91 3.48 -1.83
CA GLY A 93 3.34 4.38 -2.81
C GLY A 93 2.54 5.57 -2.29
N ARG A 94 2.37 5.68 -0.98
CA ARG A 94 1.63 6.77 -0.40
C ARG A 94 2.31 7.37 0.82
N TYR A 95 2.03 8.66 1.06
CA TYR A 95 2.54 9.35 2.26
C TYR A 95 1.74 9.04 3.48
N ILE A 96 2.37 8.61 4.57
CA ILE A 96 1.60 8.24 5.74
C ILE A 96 0.86 9.39 6.39
N PHE A 97 1.38 10.61 6.16
CA PHE A 97 0.73 11.86 6.60
C PHE A 97 0.25 12.74 5.46
N GLY A 98 0.11 12.15 4.28
CA GLY A 98 -0.43 12.83 3.11
C GLY A 98 -1.69 12.24 2.48
N GLY A 99 -2.41 11.42 3.23
CA GLY A 99 -3.68 10.84 2.80
C GLY A 99 -3.63 10.19 1.44
N ASP A 100 -4.59 10.52 0.58
CA ASP A 100 -4.79 9.76 -0.64
C ASP A 100 -4.14 10.33 -1.90
N SER A 101 -3.25 11.31 -1.77
CA SER A 101 -2.52 11.77 -2.95
C SER A 101 -1.02 11.73 -2.69
N ALA A 102 -0.27 11.34 -3.72
CA ALA A 102 1.18 11.22 -3.66
C ALA A 102 1.84 11.92 -4.85
N GLU A 103 1.15 12.89 -5.46
CA GLU A 103 1.74 13.64 -6.58
C GLU A 103 2.80 14.60 -6.09
N ASN A 104 2.57 15.14 -4.89
CA ASN A 104 3.49 16.08 -4.28
C ASN A 104 3.85 15.65 -2.89
N LEU A 105 4.98 16.18 -2.43
CA LEU A 105 5.32 16.10 -1.03
C LEU A 105 4.19 16.77 -0.22
N PRO A 106 3.72 16.11 0.85
CA PRO A 106 2.57 16.66 1.53
C PRO A 106 2.83 17.91 2.38
N PHE A 107 4.06 18.07 2.86
CA PHE A 107 4.40 19.28 3.61
C PHE A 107 5.56 20.04 3.04
N THR A 108 5.39 21.36 3.01
CA THR A 108 6.49 22.30 2.73
C THR A 108 7.25 22.68 3.98
N GLU A 109 8.40 23.30 3.79
CA GLU A 109 9.19 23.87 4.91
C GLU A 109 8.44 24.93 5.68
N ASP A 110 7.41 25.52 5.09
CA ASP A 110 6.57 26.48 5.78
C ASP A 110 5.42 25.81 6.56
N GLY A 111 5.29 24.49 6.44
CA GLY A 111 4.19 23.81 7.11
C GLY A 111 2.88 23.76 6.31
N THR A 112 2.91 24.24 5.08
CA THR A 112 1.74 24.15 4.20
C THR A 112 1.48 22.73 3.79
N TYR A 113 0.23 22.31 3.89
CA TYR A 113 -0.20 21.00 3.51
C TYR A 113 -0.59 20.97 2.02
N GLN A 114 0.03 20.07 1.27
CA GLN A 114 -0.32 19.85 -0.14
C GLN A 114 -0.67 18.38 -0.38
N GLY A 115 -1.01 17.63 0.67
CA GLY A 115 -1.34 16.22 0.49
C GLY A 115 -2.77 16.02 0.01
N GLY A 116 -3.21 14.77 0.09
CA GLY A 116 -4.59 14.38 -0.24
C GLY A 116 -5.58 14.79 0.84
N LYS A 117 -6.81 15.10 0.43
CA LYS A 117 -7.84 15.49 1.39
C LYS A 117 -8.26 14.32 2.26
N ASN A 118 -8.33 13.10 1.72
CA ASN A 118 -8.89 12.00 2.48
C ASN A 118 -7.88 10.95 2.94
N ASP A 119 -8.22 10.24 3.99
CA ASP A 119 -7.47 9.11 4.49
C ASP A 119 -7.58 7.94 3.53
N VAL A 120 -6.59 7.05 3.59
CA VAL A 120 -6.60 5.76 2.89
C VAL A 120 -6.75 4.63 3.94
N ASN A 121 -7.86 3.89 3.83
CA ASN A 121 -8.19 2.74 4.65
C ASN A 121 -7.72 1.46 4.04
N TRP A 122 -7.23 0.58 4.90
CA TRP A 122 -6.86 -0.80 4.55
C TRP A 122 -7.79 -1.71 5.39
N LYS A 123 -8.09 -2.86 4.81
CA LYS A 123 -9.05 -3.74 5.39
C LYS A 123 -8.52 -5.15 5.39
N LEU A 124 -8.40 -5.73 6.57
CA LEU A 124 -7.94 -7.10 6.69
C LEU A 124 -8.91 -8.08 6.04
N ASN A 125 -8.41 -9.29 5.74
CA ASN A 125 -9.22 -10.36 5.12
C ASN A 125 -10.48 -10.69 5.92
N ASP A 126 -10.40 -10.57 7.24
CA ASP A 126 -11.53 -10.84 8.14
C ASP A 126 -12.42 -9.61 8.42
N GLY A 127 -12.25 -8.52 7.68
CA GLY A 127 -13.13 -7.36 7.86
C GLY A 127 -12.61 -6.18 8.68
N TYR A 128 -11.53 -6.40 9.46
CA TYR A 128 -11.01 -5.30 10.31
C TYR A 128 -10.40 -4.17 9.45
N GLU A 129 -10.84 -2.95 9.69
CA GLU A 129 -10.39 -1.78 8.95
C GLU A 129 -9.64 -0.77 9.80
N PHE A 130 -8.60 -0.19 9.25
CA PHE A 130 -7.91 0.93 9.90
C PHE A 130 -7.39 1.91 8.85
N LYS A 131 -7.04 3.11 9.32
CA LYS A 131 -6.47 4.16 8.48
C LYS A 131 -5.02 3.92 8.34
N ALA A 132 -4.57 3.60 7.13
CA ALA A 132 -3.18 3.30 6.86
C ALA A 132 -2.42 4.58 6.48
N PHE A 133 -3.03 5.44 5.64
CA PHE A 133 -2.39 6.71 5.19
C PHE A 133 -3.35 7.84 5.46
N ARG A 134 -2.89 8.85 6.19
CA ARG A 134 -3.84 9.83 6.75
C ARG A 134 -3.47 11.21 6.35
N ASN A 135 -4.46 12.07 6.25
CA ASN A 135 -4.29 13.50 6.08
C ASN A 135 -3.72 14.04 7.38
N GLY A 136 -2.45 14.45 7.40
CA GLY A 136 -1.76 14.84 8.65
C GLY A 136 -1.69 16.34 8.91
N GLU A 137 -2.46 17.12 8.14
CA GLU A 137 -2.35 18.58 8.22
C GLU A 137 -2.62 19.04 9.64
N ALA A 138 -3.72 18.61 10.24
CA ALA A 138 -4.06 19.12 11.57
C ALA A 138 -3.04 18.71 12.63
N LEU A 139 -2.35 17.60 12.42
CA LEU A 139 -1.39 17.09 13.40
C LEU A 139 -0.04 17.78 13.22
N LEU A 140 0.37 17.99 11.95
CA LEU A 140 1.77 18.36 11.64
C LEU A 140 1.97 19.76 11.07
N SER A 141 0.96 20.33 10.42
CA SER A 141 1.11 21.72 10.00
C SER A 141 1.42 22.63 11.18
N PRO A 142 0.75 22.42 12.32
CA PRO A 142 1.10 23.41 13.34
C PRO A 142 2.45 23.10 14.02
N VAL A 143 2.86 21.83 14.04
CA VAL A 143 4.16 21.47 14.50
C VAL A 143 5.22 22.23 13.74
N ILE A 144 5.12 22.18 12.42
CA ILE A 144 6.12 22.77 11.54
C ILE A 144 6.07 24.30 11.61
N LYS A 145 4.88 24.88 11.61
CA LYS A 145 4.74 26.35 11.64
C LYS A 145 5.34 26.91 12.91
N THR A 146 5.08 26.24 14.04
CA THR A 146 5.66 26.64 15.32
C THR A 146 7.20 26.55 15.26
N LEU A 147 7.75 25.45 14.74
CA LEU A 147 9.22 25.31 14.71
C LEU A 147 9.80 26.47 13.84
N LYS A 148 9.14 26.78 12.75
CA LYS A 148 9.62 27.86 11.88
C LYS A 148 9.64 29.24 12.56
N GLN A 149 8.59 29.57 13.29
CA GLN A 149 8.57 30.83 14.04
C GLN A 149 9.59 30.79 15.20
N MET A 150 9.88 29.59 15.72
CA MET A 150 10.88 29.42 16.79
C MET A 150 12.26 29.78 16.26
N SER A 151 12.59 29.22 15.10
CA SER A 151 13.88 29.43 14.46
C SER A 151 14.09 30.90 14.08
N GLU A 152 13.08 31.49 13.48
CA GLU A 152 13.16 32.92 13.16
C GLU A 152 13.24 33.83 14.40
N ALA A 153 12.42 33.56 15.41
CA ALA A 153 12.46 34.34 16.67
C ALA A 153 13.84 34.31 17.28
N MET A 154 14.44 33.15 17.25
CA MET A 154 15.76 33.03 17.84
C MET A 154 16.81 33.74 17.00
N GLN A 155 16.85 33.50 15.70
CA GLN A 155 17.93 34.12 14.95
C GLN A 155 17.76 35.62 14.71
N ASN A 156 16.61 36.17 15.08
CA ASN A 156 16.39 37.61 15.03
C ASN A 156 16.39 38.23 16.42
N GLY A 157 16.82 37.46 17.40
CA GLY A 157 16.88 37.91 18.80
C GLY A 157 15.54 38.39 19.36
N ASP A 158 14.44 37.79 18.91
CA ASP A 158 13.09 38.22 19.34
C ASP A 158 12.65 37.34 20.53
N GLN A 159 12.92 37.85 21.75
CA GLN A 159 12.75 37.08 22.97
C GLN A 159 11.29 37.01 23.38
N LYS A 160 10.55 38.07 23.09
CA LYS A 160 9.14 38.17 23.50
C LYS A 160 8.28 37.09 22.82
N ALA A 161 8.59 36.79 21.58
CA ALA A 161 7.92 35.72 20.86
C ALA A 161 8.13 34.32 21.48
N LEU A 162 9.20 34.10 22.24
CA LEU A 162 9.60 32.74 22.58
C LEU A 162 8.70 32.06 23.63
N LYS A 163 8.25 32.78 24.66
CA LYS A 163 7.42 32.13 25.67
C LYS A 163 6.13 31.59 25.08
N PRO A 164 5.46 32.37 24.20
CA PRO A 164 4.27 31.87 23.51
C PRO A 164 4.55 30.61 22.69
N LEU A 165 5.67 30.60 22.00
CA LEU A 165 6.00 29.51 21.12
C LEU A 165 6.36 28.26 21.92
N LEU A 166 6.93 28.44 23.12
CA LEU A 166 7.23 27.32 24.03
C LEU A 166 5.94 26.59 24.34
N GLU A 167 4.89 27.32 24.68
CA GLU A 167 3.57 26.72 24.97
C GLU A 167 2.96 26.09 23.72
N GLU A 168 3.06 26.78 22.59
CA GLU A 168 2.57 26.21 21.32
C GLU A 168 3.23 24.86 21.03
N ASN A 169 4.55 24.80 21.20
CA ASN A 169 5.27 23.54 20.97
C ASN A 169 4.86 22.46 21.97
N LYS A 170 4.57 22.82 23.21
CA LYS A 170 4.11 21.84 24.19
C LYS A 170 2.76 21.23 23.75
N GLN A 171 1.80 22.06 23.37
CA GLN A 171 0.50 21.57 22.85
C GLN A 171 0.63 20.76 21.57
N ASN A 172 1.53 21.16 20.68
CA ASN A 172 1.79 20.36 19.48
C ASN A 172 2.34 18.98 19.82
N LEU A 173 3.31 18.94 20.73
CA LEU A 173 3.93 17.71 21.18
C LEU A 173 2.90 16.76 21.81
N ASP A 174 2.00 17.30 22.62
CA ASP A 174 0.91 16.50 23.21
C ASP A 174 0.04 15.88 22.11
N GLY A 175 -0.20 16.64 21.06
CA GLY A 175 -0.84 16.09 19.86
C GLY A 175 -0.04 14.92 19.27
N ILE A 176 1.27 15.01 19.25
CA ILE A 176 2.07 13.92 18.66
C ILE A 176 2.11 12.71 19.61
N ILE A 177 2.19 12.99 20.89
CA ILE A 177 2.17 11.88 21.89
C ILE A 177 0.83 11.11 21.81
N ASN A 178 -0.29 11.82 21.82
CA ASN A 178 -1.59 11.14 21.70
C ASN A 178 -1.68 10.32 20.41
N ARG A 179 -1.16 10.84 19.30
CA ARG A 179 -1.20 10.00 18.07
C ARG A 179 -0.31 8.76 18.20
N THR A 180 0.84 8.92 18.83
CA THR A 180 1.76 7.81 18.99
C THR A 180 1.04 6.72 19.78
N THR A 181 0.25 7.12 20.76
CA THR A 181 -0.46 6.19 21.61
C THR A 181 -1.59 5.47 20.86
N GLU A 182 -2.35 6.23 20.06
CA GLU A 182 -3.36 5.65 19.20
C GLU A 182 -2.72 4.66 18.22
N VAL A 183 -1.56 5.00 17.66
CA VAL A 183 -0.89 4.12 16.74
C VAL A 183 -0.35 2.85 17.44
N GLY A 184 0.24 2.99 18.62
CA GLY A 184 0.65 1.87 19.49
C GLY A 184 -0.47 0.86 19.76
N SER A 185 -1.66 1.38 19.99
CA SER A 185 -2.88 0.62 20.26
C SER A 185 -3.32 -0.22 19.03
N THR A 186 -3.31 0.39 17.85
CA THR A 186 -3.60 -0.31 16.60
C THR A 186 -2.58 -1.44 16.36
N MET A 187 -1.34 -1.17 16.66
CA MET A 187 -0.25 -2.17 16.55
C MET A 187 -0.50 -3.36 17.49
N ASN A 188 -0.96 -3.06 18.69
CA ASN A 188 -1.23 -4.08 19.71
C ASN A 188 -2.36 -5.02 19.27
N THR A 189 -3.43 -4.41 18.76
CA THR A 189 -4.49 -5.13 18.06
C THR A 189 -3.97 -6.05 16.93
N MET A 190 -3.12 -5.53 16.07
CA MET A 190 -2.56 -6.35 14.98
C MET A 190 -1.79 -7.51 15.54
N GLU A 191 -1.08 -7.25 16.61
CA GLU A 191 -0.26 -8.31 17.24
C GLU A 191 -1.14 -9.39 17.90
N THR A 192 -2.28 -8.98 18.44
CA THR A 192 -3.26 -9.93 18.98
C THR A 192 -3.86 -10.75 17.83
N PHE A 193 -4.20 -10.08 16.74
CA PHE A 193 -4.74 -10.81 15.57
C PHE A 193 -3.74 -11.90 15.13
N LYS A 194 -2.44 -11.56 15.03
CA LYS A 194 -1.39 -12.52 14.65
C LYS A 194 -1.35 -13.75 15.55
N THR A 195 -1.42 -13.51 16.86
CA THR A 195 -1.33 -14.57 17.86
C THR A 195 -2.55 -15.47 17.79
N ILE A 196 -3.73 -14.87 17.65
CA ILE A 196 -4.97 -15.61 17.41
C ILE A 196 -4.84 -16.48 16.14
N LEU A 197 -4.40 -15.89 15.02
CA LEU A 197 -4.24 -16.67 13.79
C LEU A 197 -3.23 -17.80 13.88
N SER A 198 -2.10 -17.55 14.56
CA SER A 198 -1.11 -18.61 14.77
C SER A 198 -1.68 -19.81 15.56
N GLU A 199 -2.43 -19.51 16.62
CA GLU A 199 -3.09 -20.53 17.45
C GLU A 199 -4.12 -21.26 16.58
N GLN A 200 -4.82 -20.54 15.72
CA GLN A 200 -5.77 -21.19 14.79
C GLN A 200 -5.05 -21.99 13.69
N ASN A 201 -3.90 -21.53 13.22
CA ASN A 201 -3.16 -22.34 12.25
C ASN A 201 -2.74 -23.73 12.79
N VAL A 202 -2.32 -23.77 14.04
CA VAL A 202 -1.82 -25.02 14.64
C VAL A 202 -2.89 -26.10 14.71
N ALA A 203 -4.13 -25.65 15.00
CA ALA A 203 -5.27 -26.55 15.05
C ALA A 203 -5.50 -27.20 13.69
N LEU A 204 -5.57 -26.36 12.65
CA LEU A 204 -5.87 -26.83 11.31
C LEU A 204 -4.89 -27.90 10.89
N GLN A 205 -3.60 -27.59 10.92
CA GLN A 205 -2.55 -28.57 10.67
C GLN A 205 -2.39 -29.52 11.86
N LEU B 18 20.58 11.68 -1.57
CA LEU B 18 20.73 11.35 -0.10
C LEU B 18 19.36 10.93 0.46
N ALA B 19 18.55 11.92 0.81
CA ALA B 19 17.15 11.72 1.12
C ALA B 19 16.39 11.16 -0.09
N ASN B 20 16.66 11.73 -1.26
CA ASN B 20 16.03 11.26 -2.48
C ASN B 20 16.51 9.86 -2.88
N MET B 21 17.79 9.57 -2.63
CA MET B 21 18.28 8.21 -2.85
C MET B 21 17.63 7.19 -1.91
N GLU B 22 17.46 7.55 -0.64
CA GLU B 22 16.78 6.66 0.31
C GLU B 22 15.37 6.41 -0.16
N GLN B 23 14.64 7.49 -0.44
CA GLN B 23 13.26 7.30 -0.84
C GLN B 23 13.15 6.51 -2.16
N MET B 24 13.99 6.81 -3.14
CA MET B 24 13.95 6.10 -4.43
C MET B 24 14.15 4.57 -4.24
N GLN B 25 15.09 4.21 -3.36
CA GLN B 25 15.37 2.82 -3.05
C GLN B 25 14.18 2.14 -2.41
N LYS B 26 13.51 2.81 -1.46
CA LYS B 26 12.26 2.30 -0.87
C LYS B 26 11.17 2.08 -1.92
N ASP B 27 11.00 3.04 -2.81
CA ASP B 27 9.93 3.01 -3.81
C ASP B 27 10.21 1.92 -4.82
N ILE B 28 11.47 1.72 -5.13
CA ILE B 28 11.83 0.64 -6.05
C ILE B 28 11.54 -0.69 -5.38
N ALA B 29 11.96 -0.91 -4.14
CA ALA B 29 11.65 -2.19 -3.46
C ALA B 29 10.15 -2.44 -3.43
N ASP B 30 9.37 -1.42 -3.11
CA ASP B 30 7.93 -1.59 -3.01
C ASP B 30 7.31 -1.95 -4.36
N SER B 31 7.79 -1.27 -5.39
CA SER B 31 7.24 -1.43 -6.71
C SER B 31 7.52 -2.81 -7.22
N LYS B 32 8.75 -3.28 -6.96
CA LYS B 32 9.18 -4.59 -7.39
C LYS B 32 8.34 -5.70 -6.76
N ASN B 33 8.00 -5.54 -5.49
CA ASN B 33 7.17 -6.53 -4.83
C ASN B 33 5.80 -6.56 -5.52
N VAL B 34 5.13 -5.42 -5.64
CA VAL B 34 3.82 -5.41 -6.28
C VAL B 34 3.83 -5.94 -7.73
N LEU B 35 4.83 -5.57 -8.50
CA LEU B 35 4.89 -6.00 -9.90
C LEU B 35 5.21 -7.52 -10.00
N THR B 36 6.13 -7.99 -9.18
CA THR B 36 6.45 -9.42 -9.17
C THR B 36 5.20 -10.24 -8.90
N GLN B 37 4.41 -9.81 -7.93
CA GLN B 37 3.19 -10.51 -7.58
C GLN B 37 2.17 -10.44 -8.68
N THR B 38 2.13 -9.32 -9.39
CA THR B 38 1.25 -9.17 -10.53
C THR B 38 1.70 -10.11 -11.65
N GLU B 39 2.96 -10.07 -12.03
CA GLU B 39 3.53 -10.99 -13.00
C GLU B 39 3.29 -12.48 -12.68
N ASN B 40 3.54 -12.89 -11.44
CA ASN B 40 3.36 -14.27 -11.01
C ASN B 40 1.88 -14.67 -11.10
N THR B 41 0.98 -13.77 -10.73
CA THR B 41 -0.43 -14.02 -10.81
C THR B 41 -0.88 -14.20 -12.28
N LEU B 42 -0.36 -13.37 -13.18
CA LEU B 42 -0.76 -13.41 -14.58
C LEU B 42 -0.23 -14.68 -15.25
N GLN B 43 0.95 -15.14 -14.84
CA GLN B 43 1.46 -16.40 -15.31
C GLN B 43 0.54 -17.57 -14.86
N GLY B 44 0.01 -17.52 -13.64
CA GLY B 44 -0.95 -18.54 -13.18
C GLY B 44 -2.17 -18.55 -14.08
N VAL B 45 -2.66 -17.37 -14.46
CA VAL B 45 -3.84 -17.31 -15.33
C VAL B 45 -3.52 -17.95 -16.69
N LEU B 46 -2.33 -17.67 -17.21
CA LEU B 46 -1.87 -18.23 -18.44
C LEU B 46 -1.86 -19.73 -18.33
N LYS B 47 -1.30 -20.27 -17.24
CA LYS B 47 -1.32 -21.73 -17.08
C LYS B 47 -2.78 -22.21 -17.15
N SER B 48 -3.67 -21.53 -16.45
CA SER B 48 -5.05 -22.00 -16.29
C SER B 48 -5.75 -21.99 -17.65
N LEU B 49 -5.62 -20.89 -18.39
CA LEU B 49 -6.30 -20.77 -19.68
C LEU B 49 -5.71 -21.74 -20.69
N THR B 50 -4.42 -22.04 -20.59
CA THR B 50 -3.85 -23.02 -21.51
C THR B 50 -4.43 -24.42 -21.17
N ARG B 51 -4.53 -24.74 -19.88
CA ARG B 51 -5.13 -26.04 -19.50
C ARG B 51 -6.60 -26.11 -20.00
N ALA B 52 -7.36 -25.03 -19.82
CA ALA B 52 -8.74 -24.95 -20.34
C ALA B 52 -8.82 -25.14 -21.86
N ASP B 53 -7.85 -24.59 -22.58
CA ASP B 53 -7.82 -24.74 -24.03
C ASP B 53 -7.61 -26.21 -24.38
N GLN B 54 -6.71 -26.90 -23.66
CA GLN B 54 -6.45 -28.31 -23.95
C GLN B 54 -7.67 -29.15 -23.62
N LEU B 55 -8.29 -28.89 -22.46
CA LEU B 55 -9.48 -29.64 -22.07
C LEU B 55 -10.59 -29.47 -23.11
N THR B 56 -10.77 -28.25 -23.58
CA THR B 56 -11.78 -27.98 -24.59
C THR B 56 -11.48 -28.65 -25.92
N VAL B 57 -10.20 -28.69 -26.33
CA VAL B 57 -9.83 -29.41 -27.57
C VAL B 57 -10.29 -30.87 -27.49
N GLN B 58 -9.93 -31.54 -26.40
CA GLN B 58 -10.30 -32.95 -26.19
C GLN B 58 -11.82 -33.10 -26.26
N ALA B 59 -12.51 -32.35 -25.42
CA ALA B 59 -13.97 -32.39 -25.38
C ALA B 59 -14.57 -32.15 -26.75
N ILE B 72 -14.02 -33.50 -17.15
CA ILE B 72 -13.56 -32.32 -17.90
C ILE B 72 -14.51 -31.16 -17.62
N GLY B 73 -15.80 -31.41 -17.78
CA GLY B 73 -16.83 -30.45 -17.40
C GLY B 73 -16.75 -30.02 -15.95
N VAL B 74 -16.12 -30.84 -15.10
CA VAL B 74 -15.83 -30.44 -13.73
C VAL B 74 -14.35 -30.08 -13.48
N GLU B 75 -13.44 -30.46 -14.36
CA GLU B 75 -12.07 -29.97 -14.24
C GLU B 75 -12.03 -28.50 -14.70
N ILE B 76 -12.90 -28.14 -15.65
CA ILE B 76 -13.05 -26.75 -16.09
C ILE B 76 -13.55 -25.86 -14.96
N ASP B 77 -14.49 -26.37 -14.16
CA ASP B 77 -15.00 -25.60 -13.02
C ASP B 77 -13.90 -25.46 -11.96
N GLN B 78 -13.04 -26.46 -11.76
CA GLN B 78 -11.85 -26.26 -10.92
C GLN B 78 -10.93 -25.13 -11.44
N ILE B 79 -10.78 -25.05 -12.76
CA ILE B 79 -10.01 -23.98 -13.36
C ILE B 79 -10.68 -22.61 -13.15
N LEU B 80 -11.98 -22.50 -13.39
CA LEU B 80 -12.73 -21.25 -13.11
C LEU B 80 -12.48 -20.77 -11.67
N LYS B 81 -12.64 -21.67 -10.71
CA LYS B 81 -12.37 -21.35 -9.31
C LYS B 81 -10.94 -20.85 -9.11
N GLN B 82 -9.96 -21.47 -9.78
CA GLN B 82 -8.55 -21.07 -9.67
C GLN B 82 -8.31 -19.68 -10.26
N VAL B 83 -8.92 -19.40 -11.43
CA VAL B 83 -8.77 -18.09 -12.06
C VAL B 83 -9.44 -16.98 -11.20
N VAL B 84 -10.62 -17.22 -10.67
CA VAL B 84 -11.25 -16.26 -9.78
C VAL B 84 -10.36 -15.99 -8.54
N TYR B 85 -9.79 -17.04 -7.98
CA TYR B 85 -8.82 -16.88 -6.90
C TYR B 85 -7.67 -15.96 -7.32
N LEU B 86 -7.06 -16.24 -8.49
CA LEU B 86 -5.96 -15.41 -8.99
C LEU B 86 -6.41 -14.00 -9.27
N ALA B 87 -7.63 -13.87 -9.75
CA ALA B 87 -8.20 -12.58 -10.07
C ALA B 87 -8.35 -11.73 -8.82
N ASN B 88 -8.54 -12.36 -7.67
CA ASN B 88 -8.77 -11.66 -6.40
C ASN B 88 -7.50 -11.49 -5.53
N THR B 89 -6.32 -11.58 -6.17
CA THR B 89 -5.02 -11.44 -5.49
C THR B 89 -4.90 -10.02 -4.92
N LYS B 90 -4.55 -10.01 -3.64
CA LYS B 90 -4.46 -8.84 -2.84
C LYS B 90 -3.01 -8.64 -2.44
N GLU B 91 -2.57 -7.40 -2.41
CA GLU B 91 -1.21 -7.10 -2.04
C GLU B 91 -1.08 -5.70 -1.47
N GLN B 92 -0.51 -5.61 -0.28
CA GLN B 92 -0.25 -4.34 0.33
C GLN B 92 -1.50 -3.47 0.36
N GLY B 93 -2.61 -4.05 0.84
CA GLY B 93 -3.82 -3.28 1.14
C GLY B 93 -4.79 -3.01 -0.02
N ARG B 94 -4.38 -3.39 -1.23
CA ARG B 94 -5.27 -3.32 -2.39
C ARG B 94 -5.18 -4.56 -3.28
N TYR B 95 -6.17 -4.71 -4.16
CA TYR B 95 -6.27 -5.83 -5.10
C TYR B 95 -5.59 -5.45 -6.36
N ILE B 96 -4.62 -6.27 -6.83
CA ILE B 96 -3.87 -5.88 -7.99
C ILE B 96 -4.78 -5.68 -9.22
N PHE B 97 -5.91 -6.40 -9.29
CA PHE B 97 -6.92 -6.22 -10.31
C PHE B 97 -8.22 -5.59 -9.80
N GLY B 98 -8.16 -4.92 -8.66
CA GLY B 98 -9.38 -4.33 -8.04
C GLY B 98 -9.38 -2.84 -7.94
N GLY B 99 -8.40 -2.22 -8.59
CA GLY B 99 -8.32 -0.76 -8.62
C GLY B 99 -8.23 -0.11 -7.27
N ASP B 100 -8.98 0.99 -7.09
CA ASP B 100 -8.85 1.86 -5.90
C ASP B 100 -9.90 1.61 -4.85
N SER B 101 -10.35 0.37 -4.74
CA SER B 101 -11.21 0.01 -3.62
C SER B 101 -10.88 -1.42 -3.24
N ALA B 102 -10.84 -1.64 -1.92
CA ALA B 102 -10.63 -2.96 -1.33
C ALA B 102 -11.75 -3.32 -0.35
N GLU B 103 -12.92 -2.65 -0.47
CA GLU B 103 -14.09 -3.05 0.30
C GLU B 103 -14.50 -4.50 0.03
N ASN B 104 -14.42 -4.93 -1.23
CA ASN B 104 -14.89 -6.23 -1.69
C ASN B 104 -13.85 -6.99 -2.52
N LEU B 105 -13.99 -8.30 -2.58
CA LEU B 105 -13.30 -9.11 -3.58
C LEU B 105 -13.72 -8.56 -4.95
N PRO B 106 -12.78 -8.33 -5.87
CA PRO B 106 -13.15 -7.64 -7.12
C PRO B 106 -13.89 -8.48 -8.12
N PHE B 107 -13.77 -9.80 -8.02
CA PHE B 107 -14.48 -10.71 -8.90
C PHE B 107 -15.24 -11.82 -8.13
N THR B 108 -16.48 -12.04 -8.55
CA THR B 108 -17.29 -13.21 -8.23
C THR B 108 -17.07 -14.36 -9.24
N GLU B 109 -17.59 -15.54 -8.91
CA GLU B 109 -17.54 -16.73 -9.82
C GLU B 109 -18.33 -16.57 -11.11
N ASP B 110 -19.25 -15.63 -11.15
CA ASP B 110 -19.92 -15.29 -12.42
C ASP B 110 -19.06 -14.36 -13.29
N GLY B 111 -17.96 -13.87 -12.74
CA GLY B 111 -17.07 -12.93 -13.41
C GLY B 111 -17.49 -11.49 -13.32
N THR B 112 -18.48 -11.22 -12.45
CA THR B 112 -18.93 -9.86 -12.19
C THR B 112 -17.86 -9.09 -11.43
N TYR B 113 -17.54 -7.90 -11.93
CA TYR B 113 -16.54 -7.01 -11.33
C TYR B 113 -17.18 -6.21 -10.21
N GLN B 114 -16.52 -6.14 -9.07
CA GLN B 114 -17.01 -5.35 -7.92
C GLN B 114 -15.89 -4.50 -7.33
N GLY B 115 -14.79 -4.34 -8.08
CA GLY B 115 -13.63 -3.57 -7.59
C GLY B 115 -13.83 -2.07 -7.68
N GLY B 116 -12.77 -1.31 -7.40
CA GLY B 116 -12.84 0.14 -7.59
C GLY B 116 -12.87 0.49 -9.05
N LYS B 117 -13.42 1.65 -9.36
CA LYS B 117 -13.55 2.11 -10.74
C LYS B 117 -12.22 2.57 -11.33
N ASN B 118 -11.32 3.07 -10.47
CA ASN B 118 -10.08 3.67 -10.98
C ASN B 118 -8.85 2.85 -10.65
N ASP B 119 -7.75 3.15 -11.33
CA ASP B 119 -6.47 2.53 -11.06
C ASP B 119 -5.81 3.29 -9.96
N VAL B 120 -4.92 2.63 -9.21
CA VAL B 120 -4.07 3.28 -8.22
C VAL B 120 -2.70 3.51 -8.86
N ASN B 121 -2.32 4.77 -9.03
CA ASN B 121 -1.03 5.11 -9.54
C ASN B 121 0.01 5.30 -8.46
N TRP B 122 1.22 4.82 -8.75
CA TRP B 122 2.38 5.12 -7.92
C TRP B 122 3.37 6.05 -8.66
N LYS B 123 4.02 6.92 -7.91
CA LYS B 123 5.01 7.83 -8.47
C LYS B 123 6.31 7.69 -7.72
N LEU B 124 7.37 7.42 -8.43
CA LEU B 124 8.63 7.26 -7.80
C LEU B 124 9.18 8.64 -7.51
N ASN B 125 9.97 8.72 -6.45
CA ASN B 125 10.58 9.97 -6.03
C ASN B 125 11.18 10.86 -7.14
N ASP B 126 11.52 10.24 -8.29
CA ASP B 126 12.01 10.89 -9.50
C ASP B 126 10.97 11.01 -10.63
N GLY B 127 9.67 11.02 -10.29
CA GLY B 127 8.62 11.32 -11.27
C GLY B 127 8.17 10.27 -12.30
N TYR B 128 8.80 9.10 -12.32
CA TYR B 128 8.29 8.03 -13.15
C TYR B 128 7.00 7.53 -12.49
N GLU B 129 5.94 7.32 -13.28
CA GLU B 129 4.65 6.84 -12.76
C GLU B 129 4.18 5.55 -13.41
N PHE B 130 3.51 4.70 -12.62
CA PHE B 130 2.93 3.50 -13.19
C PHE B 130 1.72 3.09 -12.40
N LYS B 131 0.93 2.23 -13.03
CA LYS B 131 -0.31 1.74 -12.46
C LYS B 131 -0.04 0.54 -11.59
N ALA B 132 -0.08 0.72 -10.27
CA ALA B 132 0.23 -0.33 -9.32
C ALA B 132 -0.92 -1.28 -9.10
N PHE B 133 -2.11 -0.75 -9.00
CA PHE B 133 -3.30 -1.55 -8.82
C PHE B 133 -4.32 -1.13 -9.85
N ARG B 134 -4.83 -2.08 -10.62
CA ARG B 134 -5.70 -1.71 -11.75
C ARG B 134 -7.11 -2.28 -11.63
N ASN B 135 -8.02 -1.58 -12.29
CA ASN B 135 -9.38 -2.05 -12.50
C ASN B 135 -9.23 -3.10 -13.58
N GLY B 136 -9.38 -4.37 -13.23
CA GLY B 136 -9.12 -5.46 -14.15
C GLY B 136 -10.37 -6.03 -14.81
N GLU B 137 -11.48 -5.30 -14.78
CA GLU B 137 -12.75 -5.77 -15.36
C GLU B 137 -12.60 -6.15 -16.82
N ALA B 138 -12.08 -5.22 -17.65
CA ALA B 138 -11.93 -5.51 -19.09
C ALA B 138 -10.97 -6.66 -19.35
N LEU B 139 -10.04 -6.89 -18.44
CA LEU B 139 -9.02 -7.93 -18.62
C LEU B 139 -9.53 -9.33 -18.21
N LEU B 140 -10.14 -9.41 -17.04
CA LEU B 140 -10.42 -10.71 -16.44
C LEU B 140 -11.89 -11.10 -16.44
N SER B 141 -12.81 -10.12 -16.53
CA SER B 141 -14.24 -10.45 -16.54
C SER B 141 -14.60 -11.34 -17.72
N PRO B 142 -14.16 -11.01 -18.96
CA PRO B 142 -14.34 -11.93 -20.10
C PRO B 142 -13.73 -13.30 -19.91
N VAL B 143 -12.61 -13.38 -19.19
CA VAL B 143 -11.91 -14.64 -19.05
C VAL B 143 -12.73 -15.60 -18.20
N ILE B 144 -13.23 -15.07 -17.10
CA ILE B 144 -14.00 -15.87 -16.18
C ILE B 144 -15.34 -16.25 -16.77
N LYS B 145 -15.97 -15.33 -17.50
CA LYS B 145 -17.28 -15.62 -18.09
C LYS B 145 -17.15 -16.66 -19.18
N THR B 146 -16.09 -16.58 -19.98
CA THR B 146 -15.84 -17.60 -21.01
C THR B 146 -15.67 -18.98 -20.36
N LEU B 147 -14.86 -19.06 -19.30
CA LEU B 147 -14.69 -20.30 -18.52
C LEU B 147 -16.01 -20.86 -17.96
N LYS B 148 -16.93 -19.98 -17.54
CA LYS B 148 -18.22 -20.38 -17.01
C LYS B 148 -19.09 -20.96 -18.12
N GLN B 149 -19.25 -20.17 -19.18
CA GLN B 149 -19.95 -20.61 -20.39
C GLN B 149 -19.43 -21.99 -20.79
N MET B 150 -18.10 -22.22 -20.70
CA MET B 150 -17.54 -23.52 -21.13
C MET B 150 -18.06 -24.65 -20.25
N SER B 151 -18.00 -24.45 -18.94
CA SER B 151 -18.49 -25.43 -17.99
C SER B 151 -19.95 -25.75 -18.29
N GLU B 152 -20.78 -24.72 -18.44
CA GLU B 152 -22.22 -24.91 -18.72
C GLU B 152 -22.51 -25.54 -20.09
N ALA B 153 -21.60 -25.33 -21.04
CA ALA B 153 -21.73 -25.95 -22.35
C ALA B 153 -21.44 -27.45 -22.25
N MET B 154 -20.54 -27.82 -21.34
CA MET B 154 -20.12 -29.21 -21.14
C MET B 154 -21.06 -30.01 -20.21
N GLN B 155 -21.66 -29.34 -19.24
CA GLN B 155 -22.63 -29.98 -18.33
C GLN B 155 -23.91 -30.39 -19.10
N ASN B 156 -24.29 -29.57 -20.07
CA ASN B 156 -25.48 -29.83 -20.88
C ASN B 156 -25.22 -30.69 -22.12
N GLY B 157 -23.94 -30.93 -22.44
CA GLY B 157 -23.57 -31.58 -23.69
C GLY B 157 -23.77 -30.75 -24.96
N ASP B 158 -23.82 -29.42 -24.81
CA ASP B 158 -24.01 -28.51 -25.96
C ASP B 158 -22.68 -28.38 -26.72
N GLN B 159 -22.46 -29.30 -27.66
CA GLN B 159 -21.20 -29.37 -28.41
C GLN B 159 -21.01 -28.20 -29.37
N LYS B 160 -22.10 -27.81 -30.04
CA LYS B 160 -22.08 -26.67 -30.97
C LYS B 160 -21.71 -25.38 -30.24
N ALA B 161 -21.99 -25.33 -28.93
CA ALA B 161 -21.68 -24.16 -28.13
C ALA B 161 -20.18 -23.99 -27.86
N LEU B 162 -19.40 -25.06 -27.92
CA LEU B 162 -17.97 -25.02 -27.58
C LEU B 162 -17.07 -24.38 -28.64
N LYS B 163 -17.42 -24.53 -29.92
CA LYS B 163 -16.59 -24.00 -31.01
C LYS B 163 -16.27 -22.50 -30.84
N PRO B 164 -17.30 -21.66 -30.64
CA PRO B 164 -17.02 -20.23 -30.46
C PRO B 164 -16.30 -19.92 -29.16
N LEU B 165 -16.48 -20.78 -28.14
CA LEU B 165 -15.89 -20.59 -26.81
C LEU B 165 -14.38 -20.94 -26.73
N LEU B 166 -13.96 -21.98 -27.45
CA LEU B 166 -12.53 -22.28 -27.58
C LEU B 166 -11.84 -21.04 -28.14
N GLU B 167 -12.50 -20.41 -29.10
CA GLU B 167 -12.00 -19.18 -29.73
C GLU B 167 -12.03 -17.97 -28.78
N GLU B 168 -13.09 -17.81 -28.00
CA GLU B 168 -13.13 -16.71 -27.01
C GLU B 168 -11.94 -16.85 -26.05
N ASN B 169 -11.76 -18.04 -25.49
CA ASN B 169 -10.65 -18.32 -24.58
C ASN B 169 -9.27 -18.00 -25.17
N LYS B 170 -9.05 -18.38 -26.43
CA LYS B 170 -7.80 -18.03 -27.10
C LYS B 170 -7.63 -16.51 -27.15
N GLN B 171 -8.68 -15.78 -27.54
CA GLN B 171 -8.66 -14.31 -27.54
C GLN B 171 -8.38 -13.76 -26.15
N ASN B 172 -9.05 -14.35 -25.17
CA ASN B 172 -8.89 -13.99 -23.77
C ASN B 172 -7.42 -14.17 -23.36
N LEU B 173 -6.87 -15.34 -23.65
CA LEU B 173 -5.46 -15.64 -23.37
C LEU B 173 -4.51 -14.62 -24.02
N ASP B 174 -4.72 -14.27 -25.29
CA ASP B 174 -3.96 -13.19 -25.91
C ASP B 174 -4.00 -11.89 -25.07
N GLY B 175 -5.17 -11.58 -24.52
CA GLY B 175 -5.33 -10.41 -23.66
C GLY B 175 -4.42 -10.45 -22.46
N ILE B 176 -4.26 -11.66 -21.90
CA ILE B 176 -3.43 -11.89 -20.72
C ILE B 176 -1.95 -11.88 -21.10
N ILE B 177 -1.61 -12.42 -22.25
CA ILE B 177 -0.22 -12.36 -22.73
C ILE B 177 0.27 -10.90 -22.86
N ASN B 178 -0.56 -10.05 -23.45
CA ASN B 178 -0.22 -8.63 -23.64
C ASN B 178 -0.04 -7.88 -22.32
N ARG B 179 -0.85 -8.19 -21.32
CA ARG B 179 -0.64 -7.58 -20.02
C ARG B 179 0.60 -8.07 -19.29
N THR B 180 0.88 -9.36 -19.40
CA THR B 180 2.03 -9.98 -18.74
C THR B 180 3.29 -9.28 -19.27
N THR B 181 3.27 -9.00 -20.58
CA THR B 181 4.31 -8.23 -21.29
C THR B 181 4.40 -6.75 -20.84
N GLU B 182 3.26 -6.08 -20.78
CA GLU B 182 3.23 -4.73 -20.23
C GLU B 182 3.86 -4.70 -18.84
N VAL B 183 3.51 -5.69 -17.99
CA VAL B 183 3.94 -5.73 -16.58
C VAL B 183 5.44 -6.04 -16.48
N GLY B 184 5.90 -6.99 -17.31
CA GLY B 184 7.34 -7.29 -17.52
C GLY B 184 8.18 -6.04 -17.78
N SER B 185 7.77 -5.23 -18.74
CA SER B 185 8.57 -4.06 -19.13
C SER B 185 8.61 -2.98 -18.03
N THR B 186 7.53 -2.83 -17.28
CA THR B 186 7.54 -1.93 -16.13
C THR B 186 8.59 -2.44 -15.13
N MET B 187 8.64 -3.77 -15.00
CA MET B 187 9.55 -4.47 -14.10
C MET B 187 11.00 -4.23 -14.53
N ASN B 188 11.27 -4.40 -15.82
CA ASN B 188 12.61 -4.18 -16.36
C ASN B 188 13.09 -2.72 -16.14
N THR B 189 12.16 -1.79 -16.27
CA THR B 189 12.44 -0.39 -16.02
C THR B 189 12.91 -0.24 -14.55
N MET B 190 12.18 -0.84 -13.62
CA MET B 190 12.59 -0.76 -12.20
C MET B 190 14.03 -1.24 -12.00
N GLU B 191 14.40 -2.32 -12.67
CA GLU B 191 15.70 -2.94 -12.38
C GLU B 191 16.81 -2.08 -12.93
N THR B 192 16.54 -1.43 -14.05
CA THR B 192 17.41 -0.43 -14.64
C THR B 192 17.59 0.76 -13.70
N PHE B 193 16.51 1.14 -13.05
CA PHE B 193 16.55 2.16 -12.02
C PHE B 193 17.39 1.73 -10.83
N LYS B 194 17.20 0.49 -10.36
CA LYS B 194 18.02 0.00 -9.24
C LYS B 194 19.52 -0.03 -9.60
N THR B 195 19.86 -0.41 -10.83
CA THR B 195 21.28 -0.44 -11.26
C THR B 195 21.92 0.96 -11.23
N ILE B 196 21.24 1.91 -11.85
CA ILE B 196 21.73 3.28 -11.91
C ILE B 196 21.81 3.89 -10.47
N LEU B 197 20.82 3.62 -9.65
CA LEU B 197 20.80 4.20 -8.28
C LEU B 197 21.88 3.60 -7.41
N SER B 198 22.06 2.29 -7.50
CA SER B 198 23.07 1.55 -6.75
C SER B 198 24.46 2.08 -6.98
N GLU B 199 24.82 2.29 -8.25
CA GLU B 199 26.18 2.75 -8.58
C GLU B 199 26.33 4.23 -8.21
N GLN B 200 25.24 4.99 -8.24
CA GLN B 200 25.25 6.37 -7.77
C GLN B 200 25.41 6.45 -6.27
N ASN B 201 24.85 5.46 -5.56
CA ASN B 201 24.97 5.34 -4.11
C ASN B 201 26.37 4.90 -3.64
N VAL B 202 27.27 4.61 -4.58
CA VAL B 202 28.66 4.29 -4.26
C VAL B 202 29.42 5.55 -3.85
ZN ZN C . -15.30 -0.24 4.92
ZN ZN D . 8.52 -0.39 1.69
ZN ZN E . 5.26 -8.12 15.69
ZN ZN F . -12.79 -21.80 -0.65
ZN ZN G . 1.06 12.44 -12.03
ZN ZN H . 5.20 -0.76 19.43
ZN ZN I . 3.06 -9.73 -0.10
#